data_7TZN
#
_entry.id   7TZN
#
_cell.length_a   44.228
_cell.length_b   51.338
_cell.length_c   78.737
_cell.angle_alpha   90.000
_cell.angle_beta   92.150
_cell.angle_gamma   90.000
#
_symmetry.space_group_name_H-M   'P 1 21 1'
#
loop_
_entity.id
_entity.type
_entity.pdbx_description
1 polymer 'Cytochrome P450'
2 non-polymer '4-fluorobenzoic acid'
3 non-polymer 'PROTOPORPHYRIN IX CONTAINING FE'
4 non-polymer 'CHLORIDE ION'
5 water water
#
_entity_poly.entity_id   1
_entity_poly.type   'polypeptide(L)'
_entity_poly.pdbx_seq_one_letter_code
;MISNSSAESISAPPNDSTIPHLAIDPFSLDFFDDPYPDQQTLRDAGPVVYLDKWNVYGVARYAEVHAVLNDPTTFCSSRG
VGLSDFKKEKPWRPPSLILEADPPAHTRPRAVLSKVLSPATMKTIRDGFAAAADAKVDELLQRGCIDAIADLAEAYPLSV
FPDAMGLKQEGREHLLPYAGLVFNAFGPPNELRQTAIERSAPHQAYVNEQCQRPNLAPGGFGACIHAFTDTGEITPDEAP
LLVRSLLSAGLDTTVNGIGAAVYCLARFPGELQRLRSDPTLARNAFEEAVRFESPVQTFFRTTTREVELGGAVIGEGEKV
LMFLGSANRDPRRWSDPDLYDITRKTSGHVGFGSGVHMCVGQLVARLEGEVMLSALARKVAAIDIDGPVKRRFNNTLRGL
ESLPVKLTPA
;
_entity_poly.pdbx_strand_id   A
#
# COMPACT_ATOMS: atom_id res chain seq x y z
N THR A 18 24.24 -11.10 -20.97
CA THR A 18 24.72 -10.51 -19.72
C THR A 18 23.58 -10.35 -18.71
N ILE A 19 22.39 -10.03 -19.19
CA ILE A 19 21.20 -9.90 -18.36
C ILE A 19 20.48 -11.25 -18.36
N PRO A 20 20.30 -11.90 -17.22
CA PRO A 20 19.60 -13.19 -17.22
C PRO A 20 18.13 -13.03 -17.55
N HIS A 21 17.59 -14.05 -18.21
CA HIS A 21 16.20 -14.09 -18.60
C HIS A 21 15.49 -15.17 -17.78
N LEU A 22 14.41 -14.79 -17.10
CA LEU A 22 13.67 -15.72 -16.27
C LEU A 22 12.24 -15.84 -16.78
N ALA A 23 11.68 -17.04 -16.62
CA ALA A 23 10.29 -17.30 -17.00
C ALA A 23 9.33 -17.10 -15.84
N ILE A 24 9.83 -16.65 -14.68
CA ILE A 24 8.96 -16.46 -13.53
C ILE A 24 7.89 -15.42 -13.85
N ASP A 25 6.63 -15.76 -13.57
CA ASP A 25 5.53 -14.82 -13.68
C ASP A 25 5.22 -14.27 -12.29
N PRO A 26 5.71 -13.08 -11.94
CA PRO A 26 5.48 -12.54 -10.59
C PRO A 26 4.05 -12.09 -10.36
N PHE A 27 3.16 -12.36 -11.32
CA PHE A 27 1.74 -12.04 -11.20
C PHE A 27 0.86 -13.27 -11.33
N SER A 28 1.45 -14.46 -11.19
CA SER A 28 0.70 -15.71 -11.20
C SER A 28 0.23 -16.05 -9.79
N LEU A 29 -0.84 -16.86 -9.72
CA LEU A 29 -1.37 -17.26 -8.42
C LEU A 29 -0.34 -18.06 -7.63
N ASP A 30 0.42 -18.92 -8.30
CA ASP A 30 1.44 -19.71 -7.61
C ASP A 30 2.49 -18.80 -6.97
N PHE A 31 2.83 -17.69 -7.63
CA PHE A 31 3.78 -16.74 -7.06
C PHE A 31 3.18 -16.05 -5.85
N PHE A 32 1.95 -15.53 -5.98
CA PHE A 32 1.28 -14.91 -4.84
C PHE A 32 1.20 -15.88 -3.66
N ASP A 33 0.94 -17.15 -3.94
CA ASP A 33 0.77 -18.14 -2.86
C ASP A 33 2.01 -18.29 -2.01
N ASP A 34 3.20 -18.08 -2.57
CA ASP A 34 4.43 -18.13 -1.80
C ASP A 34 5.54 -17.48 -2.60
N PRO A 35 5.73 -16.16 -2.49
CA PRO A 35 6.64 -15.45 -3.39
C PRO A 35 8.10 -15.53 -3.01
N TYR A 36 8.43 -16.00 -1.82
CA TYR A 36 9.76 -15.81 -1.26
C TYR A 36 10.84 -16.62 -1.98
N PRO A 37 10.61 -17.89 -2.31
CA PRO A 37 11.61 -18.60 -3.11
C PRO A 37 11.87 -17.92 -4.45
N ASP A 38 10.81 -17.56 -5.18
CA ASP A 38 11.02 -16.90 -6.46
C ASP A 38 11.67 -15.53 -6.30
N GLN A 39 11.44 -14.85 -5.17
CA GLN A 39 12.09 -13.56 -4.95
C GLN A 39 13.59 -13.73 -4.70
N GLN A 40 14.00 -14.79 -3.99
CA GLN A 40 15.43 -15.04 -3.87
C GLN A 40 16.02 -15.38 -5.23
N THR A 41 15.31 -16.16 -6.03
CA THR A 41 15.80 -16.47 -7.37
C THR A 41 16.00 -15.20 -8.18
N LEU A 42 15.08 -14.24 -8.05
CA LEU A 42 15.23 -12.97 -8.76
C LEU A 42 16.42 -12.18 -8.26
N ARG A 43 16.57 -12.07 -6.93
CA ARG A 43 17.69 -11.33 -6.37
C ARG A 43 19.01 -11.95 -6.78
N ASP A 44 19.10 -13.29 -6.68
CA ASP A 44 20.37 -13.98 -6.89
C ASP A 44 20.70 -14.17 -8.36
N ALA A 45 19.71 -14.08 -9.25
CA ALA A 45 20.02 -14.16 -10.68
C ALA A 45 20.88 -12.98 -11.13
N GLY A 46 20.76 -11.83 -10.47
CA GLY A 46 21.55 -10.67 -10.80
C GLY A 46 20.86 -9.39 -10.36
N PRO A 47 21.58 -8.26 -10.40
CA PRO A 47 20.96 -7.00 -10.00
C PRO A 47 19.86 -6.54 -10.95
N VAL A 48 19.95 -6.89 -12.24
CA VAL A 48 18.91 -6.56 -13.21
C VAL A 48 18.58 -7.83 -13.99
N VAL A 49 17.31 -8.21 -13.97
CA VAL A 49 16.84 -9.39 -14.68
C VAL A 49 15.90 -8.94 -15.80
N TYR A 50 15.59 -9.87 -16.71
CA TYR A 50 14.56 -9.69 -17.71
C TYR A 50 13.52 -10.78 -17.54
N LEU A 51 12.25 -10.38 -17.43
CA LEU A 51 11.13 -11.31 -17.24
C LEU A 51 10.49 -11.56 -18.61
N ASP A 52 10.82 -12.70 -19.21
CA ASP A 52 10.32 -13.02 -20.55
C ASP A 52 8.81 -13.09 -20.60
N LYS A 53 8.16 -13.37 -19.46
CA LYS A 53 6.72 -13.53 -19.45
C LYS A 53 6.01 -12.26 -19.92
N TRP A 54 6.53 -11.10 -19.52
CA TRP A 54 5.87 -9.83 -19.80
C TRP A 54 6.77 -8.82 -20.50
N ASN A 55 7.99 -9.20 -20.88
CA ASN A 55 8.89 -8.29 -21.59
C ASN A 55 9.13 -7.00 -20.79
N VAL A 56 9.56 -7.16 -19.55
CA VAL A 56 9.95 -6.02 -18.72
C VAL A 56 11.24 -6.36 -17.99
N TYR A 57 12.01 -5.33 -17.63
CA TYR A 57 13.14 -5.54 -16.75
C TYR A 57 12.66 -5.64 -15.31
N GLY A 58 13.43 -6.37 -14.50
CA GLY A 58 13.09 -6.50 -13.09
C GLY A 58 14.27 -6.25 -12.17
N VAL A 59 14.03 -5.57 -11.04
CA VAL A 59 15.04 -5.34 -10.03
C VAL A 59 14.46 -5.78 -8.69
N ALA A 60 15.13 -6.74 -8.02
CA ALA A 60 14.63 -7.31 -6.79
C ALA A 60 15.55 -7.10 -5.59
N ARG A 61 16.76 -6.61 -5.78
CA ARG A 61 17.65 -6.28 -4.67
C ARG A 61 17.35 -4.89 -4.13
N TYR A 62 17.59 -4.71 -2.83
CA TYR A 62 17.37 -3.41 -2.20
C TYR A 62 18.12 -2.30 -2.94
N ALA A 63 19.39 -2.52 -3.24
CA ALA A 63 20.20 -1.45 -3.81
C ALA A 63 19.62 -0.94 -5.12
N GLU A 64 19.15 -1.83 -5.98
CA GLU A 64 18.64 -1.38 -7.28
C GLU A 64 17.22 -0.82 -7.16
N VAL A 65 16.38 -1.41 -6.30
CA VAL A 65 15.06 -0.83 -6.07
C VAL A 65 15.20 0.60 -5.55
N HIS A 66 16.05 0.79 -4.54
CA HIS A 66 16.24 2.11 -3.97
C HIS A 66 16.79 3.09 -5.01
N ALA A 67 17.74 2.65 -5.83
CA ALA A 67 18.30 3.53 -6.87
C ALA A 67 17.22 3.95 -7.87
N VAL A 68 16.41 3.00 -8.34
CA VAL A 68 15.39 3.32 -9.33
C VAL A 68 14.37 4.28 -8.74
N LEU A 69 13.92 3.99 -7.52
CA LEU A 69 12.94 4.87 -6.86
C LEU A 69 13.46 6.29 -6.75
N ASN A 70 14.77 6.47 -6.58
CA ASN A 70 15.36 7.77 -6.32
C ASN A 70 15.97 8.42 -7.55
N ASP A 71 15.64 7.93 -8.75
CA ASP A 71 15.98 8.59 -10.01
C ASP A 71 14.68 8.72 -10.80
N PRO A 72 13.81 9.66 -10.41
CA PRO A 72 12.54 9.82 -11.13
C PRO A 72 12.72 10.38 -12.53
N THR A 73 13.83 11.07 -12.82
CA THR A 73 14.05 11.58 -14.17
C THR A 73 14.29 10.44 -15.15
N THR A 74 15.13 9.47 -14.77
CA THR A 74 15.43 8.35 -15.66
C THR A 74 14.33 7.30 -15.63
N PHE A 75 13.81 6.99 -14.45
CA PHE A 75 12.75 6.01 -14.27
C PHE A 75 11.49 6.79 -13.89
N CYS A 76 10.74 7.20 -14.92
CA CYS A 76 9.62 8.11 -14.72
C CYS A 76 8.34 7.35 -14.37
N SER A 77 7.35 8.10 -13.87
CA SER A 77 6.04 7.57 -13.55
C SER A 77 4.94 8.06 -14.48
N SER A 78 5.19 9.09 -15.29
CA SER A 78 4.14 9.66 -16.14
C SER A 78 3.74 8.73 -17.28
N ARG A 79 4.50 7.68 -17.56
CA ARG A 79 4.07 6.69 -18.54
C ARG A 79 3.41 5.49 -17.87
N GLY A 80 2.98 5.65 -16.63
CA GLY A 80 2.31 4.59 -15.89
C GLY A 80 3.23 3.86 -14.94
N VAL A 81 2.72 3.47 -13.77
CA VAL A 81 3.46 2.66 -12.81
C VAL A 81 2.93 1.23 -12.77
N GLY A 82 2.05 0.87 -13.70
CA GLY A 82 1.72 -0.51 -13.97
C GLY A 82 2.45 -1.01 -15.21
N LEU A 83 2.04 -2.20 -15.67
CA LEU A 83 2.68 -2.77 -16.85
C LEU A 83 2.44 -1.89 -18.07
N SER A 84 1.22 -1.39 -18.24
CA SER A 84 0.86 -0.62 -19.43
C SER A 84 1.70 0.66 -19.53
N ASP A 85 2.15 0.94 -20.75
CA ASP A 85 2.92 2.14 -21.07
C ASP A 85 1.93 3.16 -21.64
N PHE A 86 1.69 4.24 -20.90
CA PHE A 86 0.68 5.22 -21.31
C PHE A 86 1.01 5.86 -22.65
N LYS A 87 2.26 5.77 -23.09
CA LYS A 87 2.64 6.24 -24.41
C LYS A 87 2.23 5.28 -25.52
N LYS A 88 1.82 4.06 -25.16
CA LYS A 88 1.43 3.03 -26.11
C LYS A 88 -0.03 2.65 -26.01
N GLU A 89 -0.60 2.64 -24.81
CA GLU A 89 -1.98 2.23 -24.56
C GLU A 89 -2.69 3.33 -23.80
N LYS A 90 -4.00 3.36 -23.94
CA LYS A 90 -4.80 4.32 -23.20
C LYS A 90 -4.97 3.84 -21.77
N PRO A 91 -4.75 4.70 -20.77
CA PRO A 91 -4.97 4.26 -19.38
C PRO A 91 -6.43 3.89 -19.17
N TRP A 92 -6.67 2.89 -18.31
CA TRP A 92 -8.03 2.45 -18.06
C TRP A 92 -8.87 3.52 -17.38
N ARG A 93 -8.23 4.52 -16.78
CA ARG A 93 -8.90 5.67 -16.19
C ARG A 93 -7.97 6.86 -16.34
N PRO A 94 -8.50 8.07 -16.28
CA PRO A 94 -7.65 9.27 -16.38
C PRO A 94 -6.46 9.17 -15.44
N PRO A 95 -5.28 9.55 -15.90
CA PRO A 95 -4.07 9.38 -15.09
C PRO A 95 -4.19 10.09 -13.74
N SER A 96 -3.61 9.47 -12.72
CA SER A 96 -3.50 10.10 -11.41
C SER A 96 -2.62 11.34 -11.51
N LEU A 97 -3.09 12.44 -10.93
CA LEU A 97 -2.32 13.68 -11.00
C LEU A 97 -1.09 13.65 -10.12
N ILE A 98 -0.94 12.64 -9.26
CA ILE A 98 0.23 12.58 -8.39
C ILE A 98 1.03 11.31 -8.64
N LEU A 99 0.37 10.15 -8.56
CA LEU A 99 1.07 8.88 -8.71
C LEU A 99 1.67 8.75 -10.10
N GLU A 100 0.92 9.14 -11.13
CA GLU A 100 1.30 8.94 -12.51
C GLU A 100 1.69 10.26 -13.15
N ALA A 101 2.47 11.06 -12.41
CA ALA A 101 3.00 12.32 -12.89
C ALA A 101 4.45 12.45 -12.42
N ASP A 102 5.23 13.20 -13.19
CA ASP A 102 6.63 13.45 -12.88
C ASP A 102 6.83 14.91 -12.51
N PRO A 103 7.94 15.24 -11.84
CA PRO A 103 8.29 16.65 -11.65
C PRO A 103 8.52 17.31 -12.99
N PRO A 104 8.12 18.58 -13.15
CA PRO A 104 7.53 19.44 -12.12
C PRO A 104 6.01 19.31 -11.99
N ALA A 105 5.33 18.68 -12.95
CA ALA A 105 3.87 18.59 -12.88
C ALA A 105 3.41 17.93 -11.58
N HIS A 106 4.22 17.04 -11.03
CA HIS A 106 3.92 16.31 -9.80
C HIS A 106 4.04 17.17 -8.56
N THR A 107 4.88 18.21 -8.59
CA THR A 107 5.35 18.84 -7.36
C THR A 107 4.20 19.48 -6.57
N ARG A 108 3.35 20.25 -7.23
CA ARG A 108 2.36 21.02 -6.47
C ARG A 108 1.19 20.17 -6.01
N PRO A 109 0.68 19.26 -6.83
CA PRO A 109 -0.31 18.29 -6.30
C PRO A 109 0.20 17.51 -5.11
N ARG A 110 1.48 17.11 -5.16
CA ARG A 110 2.10 16.44 -4.02
C ARG A 110 2.11 17.32 -2.78
N ALA A 111 2.44 18.61 -2.95
CA ALA A 111 2.48 19.51 -1.82
C ALA A 111 1.10 19.65 -1.17
N VAL A 112 0.04 19.65 -1.98
CA VAL A 112 -1.30 19.79 -1.43
C VAL A 112 -1.69 18.57 -0.61
N LEU A 113 -1.51 17.37 -1.16
CA LEU A 113 -1.83 16.18 -0.40
C LEU A 113 -0.96 16.09 0.85
N SER A 114 0.29 16.53 0.77
CA SER A 114 1.16 16.54 1.94
C SER A 114 0.58 17.40 3.06
N LYS A 115 0.02 18.57 2.71
CA LYS A 115 -0.57 19.42 3.73
C LYS A 115 -1.92 18.88 4.18
N VAL A 116 -2.70 18.33 3.26
CA VAL A 116 -3.98 17.73 3.64
C VAL A 116 -3.75 16.58 4.62
N LEU A 117 -2.66 15.85 4.45
CA LEU A 117 -2.35 14.69 5.30
C LEU A 117 -1.11 14.96 6.14
N SER A 118 -1.07 16.12 6.77
CA SER A 118 0.15 16.65 7.40
C SER A 118 0.21 16.26 8.86
N PRO A 119 1.37 16.44 9.49
CA PRO A 119 1.47 16.22 10.93
C PRO A 119 0.41 16.96 11.73
N ALA A 120 0.11 18.20 11.36
CA ALA A 120 -0.93 18.94 12.08
C ALA A 120 -2.30 18.29 11.91
N THR A 121 -2.58 17.72 10.74
CA THR A 121 -3.86 17.06 10.54
C THR A 121 -3.99 15.82 11.40
N MET A 122 -2.91 15.06 11.55
CA MET A 122 -2.96 13.85 12.37
C MET A 122 -3.42 14.18 13.78
N LYS A 123 -3.02 15.33 14.32
CA LYS A 123 -3.40 15.68 15.67
C LYS A 123 -4.91 15.87 15.80
N THR A 124 -5.57 16.31 14.74
CA THR A 124 -7.01 16.50 14.81
C THR A 124 -7.80 15.19 14.75
N ILE A 125 -7.21 14.12 14.25
CA ILE A 125 -7.93 12.86 14.08
C ILE A 125 -7.45 11.75 15.00
N ARG A 126 -6.32 11.95 15.69
CA ARG A 126 -5.73 10.85 16.46
C ARG A 126 -6.68 10.32 17.52
N ASP A 127 -7.25 11.21 18.34
N ASP A 127 -7.26 11.21 18.32
CA ASP A 127 -8.15 10.77 19.40
CA ASP A 127 -8.13 10.76 19.41
C ASP A 127 -9.27 9.90 18.85
C ASP A 127 -9.30 9.93 18.88
N GLY A 128 -9.91 10.35 17.77
CA GLY A 128 -10.99 9.58 17.19
C GLY A 128 -10.52 8.25 16.62
N PHE A 129 -9.39 8.26 15.92
CA PHE A 129 -8.82 7.01 15.41
C PHE A 129 -8.50 6.05 16.55
N ALA A 130 -7.90 6.55 17.63
CA ALA A 130 -7.51 5.68 18.73
C ALA A 130 -8.73 5.15 19.48
N ALA A 131 -9.74 6.00 19.68
CA ALA A 131 -10.95 5.55 20.36
C ALA A 131 -11.63 4.44 19.57
N ALA A 132 -11.73 4.60 18.24
CA ALA A 132 -12.32 3.58 17.40
C ALA A 132 -11.51 2.30 17.40
N ALA A 133 -10.18 2.42 17.50
CA ALA A 133 -9.33 1.23 17.59
C ALA A 133 -9.58 0.48 18.89
N ASP A 134 -9.59 1.19 20.02
CA ASP A 134 -9.89 0.52 21.29
C ASP A 134 -11.29 -0.09 21.27
N ALA A 135 -12.26 0.65 20.74
CA ALA A 135 -13.64 0.19 20.74
C ALA A 135 -13.81 -1.10 19.93
N LYS A 136 -13.08 -1.22 18.81
CA LYS A 136 -13.19 -2.43 18.01
C LYS A 136 -12.59 -3.63 18.75
N VAL A 137 -11.42 -3.45 19.36
CA VAL A 137 -10.79 -4.55 20.07
C VAL A 137 -11.67 -5.02 21.23
N ASP A 138 -12.27 -4.07 21.95
CA ASP A 138 -13.24 -4.43 22.99
C ASP A 138 -14.37 -5.26 22.40
N GLU A 139 -14.90 -4.85 21.24
CA GLU A 139 -16.00 -5.57 20.62
C GLU A 139 -15.56 -6.95 20.17
N LEU A 140 -14.37 -7.04 19.55
CA LEU A 140 -13.85 -8.34 19.14
C LEU A 140 -13.61 -9.25 20.34
N LEU A 141 -13.12 -8.70 21.47
CA LEU A 141 -12.89 -9.55 22.64
C LEU A 141 -14.19 -10.13 23.18
N GLN A 142 -15.31 -9.44 22.98
CA GLN A 142 -16.59 -10.00 23.40
C GLN A 142 -16.98 -11.21 22.57
N ARG A 143 -16.60 -11.23 21.29
CA ARG A 143 -16.93 -12.36 20.42
C ARG A 143 -15.96 -13.52 20.58
N GLY A 144 -14.70 -13.24 20.92
CA GLY A 144 -13.72 -14.29 21.13
C GLY A 144 -13.08 -14.76 19.84
N CYS A 145 -13.80 -15.58 19.08
CA CYS A 145 -13.32 -16.10 17.81
C CYS A 145 -13.86 -15.23 16.68
N ILE A 146 -12.95 -14.58 15.96
CA ILE A 146 -13.30 -13.61 14.93
C ILE A 146 -12.39 -13.82 13.71
N ASP A 147 -12.74 -13.14 12.62
CA ASP A 147 -11.93 -13.13 11.41
C ASP A 147 -11.13 -11.84 11.40
N ALA A 148 -9.82 -11.93 11.65
CA ALA A 148 -8.99 -10.75 11.77
C ALA A 148 -8.93 -9.92 10.49
N ILE A 149 -9.48 -10.42 9.38
CA ILE A 149 -9.54 -9.62 8.16
C ILE A 149 -10.86 -8.86 8.14
N ALA A 150 -11.95 -9.57 7.89
CA ALA A 150 -13.25 -8.89 7.79
C ALA A 150 -13.58 -8.13 9.06
N ASP A 151 -13.42 -8.78 10.22
CA ASP A 151 -13.86 -8.22 11.48
C ASP A 151 -12.88 -7.21 12.09
N LEU A 152 -11.68 -7.08 11.52
CA LEU A 152 -10.67 -6.22 12.13
C LEU A 152 -9.91 -5.44 11.06
N ALA A 153 -9.09 -6.14 10.27
CA ALA A 153 -8.25 -5.44 9.29
C ALA A 153 -9.10 -4.62 8.34
N GLU A 154 -10.27 -5.13 7.96
CA GLU A 154 -11.23 -4.41 7.13
C GLU A 154 -12.14 -3.51 7.95
N ALA A 155 -12.73 -4.04 9.03
CA ALA A 155 -13.76 -3.29 9.75
C ALA A 155 -13.21 -2.01 10.36
N TYR A 156 -11.96 -2.05 10.87
CA TYR A 156 -11.45 -0.84 11.53
C TYR A 156 -11.23 0.28 10.52
N PRO A 157 -10.35 0.13 9.51
CA PRO A 157 -10.19 1.21 8.53
C PRO A 157 -11.51 1.71 7.96
N LEU A 158 -12.48 0.80 7.74
CA LEU A 158 -13.79 1.21 7.26
C LEU A 158 -14.54 2.08 8.26
N SER A 159 -14.20 1.99 9.55
CA SER A 159 -14.89 2.77 10.57
C SER A 159 -14.26 4.13 10.81
N VAL A 160 -13.07 4.41 10.25
CA VAL A 160 -12.42 5.69 10.48
C VAL A 160 -12.09 6.41 9.18
N PHE A 161 -11.73 5.67 8.13
CA PHE A 161 -11.19 6.36 6.96
C PHE A 161 -12.28 7.00 6.11
N PRO A 162 -13.34 6.29 5.75
CA PRO A 162 -14.42 6.93 4.98
C PRO A 162 -14.96 8.18 5.66
N ASP A 163 -15.06 8.15 6.99
CA ASP A 163 -15.51 9.34 7.71
C ASP A 163 -14.47 10.44 7.67
N ALA A 164 -13.20 10.09 7.86
CA ALA A 164 -12.13 11.09 7.78
C ALA A 164 -12.07 11.71 6.40
N MET A 165 -12.45 10.95 5.36
CA MET A 165 -12.57 11.49 4.01
C MET A 165 -13.75 12.45 3.86
N GLY A 166 -14.73 12.35 4.75
CA GLY A 166 -15.95 13.13 4.59
C GLY A 166 -16.97 12.50 3.66
N LEU A 167 -16.94 11.18 3.51
CA LEU A 167 -17.87 10.50 2.61
C LEU A 167 -19.22 10.26 3.29
N LYS A 168 -20.29 10.36 2.52
CA LYS A 168 -21.60 9.96 2.99
C LYS A 168 -21.60 8.47 3.30
N GLN A 169 -22.62 8.03 4.05
CA GLN A 169 -22.74 6.62 4.40
C GLN A 169 -23.10 5.77 3.18
N GLU A 170 -24.06 6.22 2.38
CA GLU A 170 -24.56 5.39 1.28
C GLU A 170 -23.45 5.11 0.27
N GLY A 171 -23.37 3.85 -0.16
CA GLY A 171 -22.47 3.47 -1.24
C GLY A 171 -21.06 3.11 -0.83
N ARG A 172 -20.75 3.09 0.46
CA ARG A 172 -19.39 2.79 0.89
C ARG A 172 -18.96 1.38 0.54
N GLU A 173 -19.90 0.48 0.26
CA GLU A 173 -19.54 -0.87 -0.16
C GLU A 173 -18.75 -0.88 -1.45
N HIS A 174 -18.72 0.23 -2.19
CA HIS A 174 -17.95 0.32 -3.43
C HIS A 174 -16.46 0.57 -3.19
N LEU A 175 -16.07 0.96 -1.98
CA LEU A 175 -14.72 1.46 -1.74
C LEU A 175 -13.68 0.35 -1.87
N LEU A 176 -13.86 -0.76 -1.15
CA LEU A 176 -12.90 -1.85 -1.25
C LEU A 176 -12.87 -2.44 -2.65
N PRO A 177 -13.99 -2.74 -3.29
CA PRO A 177 -13.93 -3.24 -4.67
C PRO A 177 -13.21 -2.30 -5.63
N TYR A 178 -13.44 -0.99 -5.50
CA TYR A 178 -12.75 -0.05 -6.38
C TYR A 178 -11.24 -0.09 -6.14
N ALA A 179 -10.83 -0.07 -4.87
CA ALA A 179 -9.41 -0.15 -4.55
C ALA A 179 -8.79 -1.42 -5.10
N GLY A 180 -9.46 -2.55 -4.94
CA GLY A 180 -8.95 -3.79 -5.52
C GLY A 180 -8.81 -3.70 -7.02
N LEU A 181 -9.80 -3.08 -7.67
CA LEU A 181 -9.70 -2.83 -9.11
C LEU A 181 -8.44 -2.04 -9.43
N VAL A 182 -8.21 -0.95 -8.69
CA VAL A 182 -7.07 -0.08 -8.99
C VAL A 182 -5.77 -0.86 -8.93
N PHE A 183 -5.57 -1.62 -7.85
CA PHE A 183 -4.30 -2.31 -7.67
C PHE A 183 -4.16 -3.51 -8.60
N ASN A 184 -5.27 -4.16 -8.96
CA ASN A 184 -5.20 -5.16 -10.01
C ASN A 184 -4.82 -4.55 -11.35
N ALA A 185 -5.23 -3.30 -11.60
CA ALA A 185 -5.02 -2.67 -12.90
C ALA A 185 -3.55 -2.29 -13.15
N PHE A 186 -2.75 -2.13 -12.10
CA PHE A 186 -1.32 -1.96 -12.30
C PHE A 186 -0.67 -3.20 -12.89
N GLY A 187 -1.33 -4.36 -12.80
CA GLY A 187 -0.75 -5.59 -13.24
C GLY A 187 -0.88 -5.82 -14.74
N PRO A 188 -0.38 -6.96 -15.20
CA PRO A 188 -0.47 -7.30 -16.62
C PRO A 188 -1.89 -7.64 -17.01
N PRO A 189 -2.18 -7.74 -18.30
CA PRO A 189 -3.55 -8.07 -18.72
C PRO A 189 -3.91 -9.53 -18.48
N ASN A 190 -3.76 -9.98 -17.24
CA ASN A 190 -4.16 -11.34 -16.88
C ASN A 190 -5.62 -11.35 -16.45
N GLU A 191 -6.10 -12.54 -16.07
CA GLU A 191 -7.52 -12.67 -15.73
C GLU A 191 -7.87 -11.83 -14.51
N LEU A 192 -6.96 -11.73 -13.53
CA LEU A 192 -7.20 -10.84 -12.40
C LEU A 192 -7.50 -9.42 -12.87
N ARG A 193 -6.72 -8.94 -13.83
CA ARG A 193 -6.91 -7.57 -14.32
C ARG A 193 -8.13 -7.45 -15.21
N GLN A 194 -8.25 -8.36 -16.19
CA GLN A 194 -9.38 -8.29 -17.11
C GLN A 194 -10.71 -8.39 -16.36
N THR A 195 -10.79 -9.29 -15.37
CA THR A 195 -12.04 -9.46 -14.65
C THR A 195 -12.35 -8.24 -13.78
N ALA A 196 -11.34 -7.64 -13.16
CA ALA A 196 -11.58 -6.45 -12.36
C ALA A 196 -12.14 -5.32 -13.22
N ILE A 197 -11.52 -5.06 -14.36
CA ILE A 197 -11.99 -3.97 -15.21
C ILE A 197 -13.39 -4.25 -15.71
N GLU A 198 -13.72 -5.52 -15.98
CA GLU A 198 -15.04 -5.85 -16.51
C GLU A 198 -16.16 -5.46 -15.55
N ARG A 199 -15.89 -5.49 -14.25
CA ARG A 199 -16.90 -5.22 -13.23
C ARG A 199 -16.79 -3.82 -12.65
N SER A 200 -16.00 -2.94 -13.27
CA SER A 200 -15.57 -1.71 -12.61
C SER A 200 -16.63 -0.60 -12.67
N ALA A 201 -17.46 -0.60 -13.72
CA ALA A 201 -18.33 0.53 -14.05
C ALA A 201 -19.04 1.09 -12.82
N PRO A 202 -19.81 0.29 -12.08
CA PRO A 202 -20.52 0.84 -10.92
C PRO A 202 -19.58 1.42 -9.86
N HIS A 203 -18.41 0.81 -9.67
CA HIS A 203 -17.49 1.32 -8.65
C HIS A 203 -16.87 2.64 -9.07
N GLN A 204 -16.48 2.77 -10.35
CA GLN A 204 -15.96 4.04 -10.85
C GLN A 204 -17.02 5.14 -10.75
N ALA A 205 -18.26 4.82 -11.13
CA ALA A 205 -19.33 5.83 -11.05
C ALA A 205 -19.48 6.36 -9.64
N TYR A 206 -19.46 5.48 -8.64
CA TYR A 206 -19.59 5.94 -7.26
C TYR A 206 -18.40 6.83 -6.88
N VAL A 207 -17.18 6.36 -7.14
CA VAL A 207 -15.99 7.06 -6.65
C VAL A 207 -15.88 8.44 -7.29
N ASN A 208 -16.00 8.49 -8.61
CA ASN A 208 -15.92 9.77 -9.31
C ASN A 208 -16.96 10.74 -8.77
N GLU A 209 -18.18 10.27 -8.52
CA GLU A 209 -19.22 11.18 -8.03
C GLU A 209 -18.89 11.71 -6.65
N GLN A 210 -18.31 10.88 -5.77
CA GLN A 210 -18.00 11.35 -4.43
C GLN A 210 -16.81 12.30 -4.40
N CYS A 211 -16.07 12.42 -5.50
CA CYS A 211 -14.95 13.34 -5.55
C CYS A 211 -15.38 14.78 -5.80
N GLN A 212 -16.65 15.00 -6.17
CA GLN A 212 -17.16 16.35 -6.39
C GLN A 212 -17.34 17.07 -5.07
N ARG A 213 -16.93 18.34 -5.05
CA ARG A 213 -16.91 19.12 -3.81
C ARG A 213 -18.20 19.03 -2.99
N PRO A 214 -19.40 19.11 -3.57
CA PRO A 214 -20.62 19.10 -2.73
C PRO A 214 -20.82 17.82 -1.97
N ASN A 215 -20.14 16.73 -2.34
CA ASN A 215 -20.35 15.43 -1.74
C ASN A 215 -19.35 15.10 -0.63
N LEU A 216 -18.51 16.05 -0.24
CA LEU A 216 -17.45 15.81 0.74
C LEU A 216 -17.72 16.67 1.98
N ALA A 217 -17.93 16.00 3.11
CA ALA A 217 -18.36 16.69 4.32
C ALA A 217 -17.28 17.66 4.80
N PRO A 218 -17.69 18.75 5.45
CA PRO A 218 -16.72 19.78 5.85
C PRO A 218 -15.72 19.24 6.86
N GLY A 219 -14.49 19.76 6.79
CA GLY A 219 -13.42 19.36 7.67
C GLY A 219 -12.72 18.06 7.29
N GLY A 220 -13.27 17.29 6.34
CA GLY A 220 -12.65 16.04 5.96
C GLY A 220 -11.54 16.20 4.94
N PHE A 221 -10.85 15.09 4.67
CA PHE A 221 -9.76 15.10 3.70
C PHE A 221 -10.21 15.66 2.36
N GLY A 222 -11.36 15.21 1.88
CA GLY A 222 -11.82 15.65 0.57
C GLY A 222 -12.05 17.15 0.51
N ALA A 223 -12.87 17.68 1.44
CA ALA A 223 -13.13 19.11 1.46
C ALA A 223 -11.83 19.90 1.61
N CYS A 224 -10.89 19.41 2.40
CA CYS A 224 -9.61 20.09 2.56
CA CYS A 224 -9.62 20.11 2.55
C CYS A 224 -8.87 20.17 1.23
N ILE A 225 -8.99 19.14 0.39
CA ILE A 225 -8.37 19.18 -0.93
C ILE A 225 -9.01 20.26 -1.79
N HIS A 226 -10.34 20.24 -1.88
CA HIS A 226 -11.03 21.28 -2.64
C HIS A 226 -10.72 22.67 -2.09
N ALA A 227 -10.44 22.77 -0.79
CA ALA A 227 -10.16 24.08 -0.19
C ALA A 227 -8.79 24.61 -0.57
N PHE A 228 -7.88 23.76 -1.05
CA PHE A 228 -6.58 24.19 -1.50
C PHE A 228 -6.57 24.69 -2.94
N THR A 229 -7.72 24.70 -3.62
CA THR A 229 -7.75 25.17 -5.00
C THR A 229 -7.60 26.68 -5.12
N ASP A 230 -7.55 27.40 -3.98
N ASP A 230 -7.35 27.43 -4.07
CA ASP A 230 -7.43 28.85 -3.95
CA ASP A 230 -7.24 28.80 -4.41
C ASP A 230 -6.00 29.35 -4.06
C ASP A 230 -5.92 29.36 -4.15
N THR A 231 -5.02 28.49 -3.78
CA THR A 231 -3.68 28.94 -3.46
C THR A 231 -2.76 29.05 -4.67
N GLY A 232 -3.21 28.61 -5.83
CA GLY A 232 -2.35 28.53 -6.99
C GLY A 232 -1.56 27.24 -7.10
N GLU A 233 -1.73 26.31 -6.15
CA GLU A 233 -1.06 25.03 -6.22
C GLU A 233 -1.83 24.06 -7.11
N ILE A 234 -3.14 23.97 -6.92
CA ILE A 234 -4.03 23.22 -7.82
C ILE A 234 -5.22 24.11 -8.17
N THR A 235 -5.82 23.81 -9.32
CA THR A 235 -7.04 24.47 -9.75
C THR A 235 -8.25 23.64 -9.36
N PRO A 236 -9.44 24.24 -9.35
CA PRO A 236 -10.64 23.48 -8.96
C PRO A 236 -10.86 22.21 -9.75
N ASP A 237 -10.51 22.19 -11.04
CA ASP A 237 -10.72 20.98 -11.81
C ASP A 237 -9.71 19.88 -11.49
N GLU A 238 -8.65 20.19 -10.74
CA GLU A 238 -7.71 19.16 -10.29
C GLU A 238 -8.15 18.47 -9.01
N ALA A 239 -8.98 19.12 -8.20
CA ALA A 239 -9.33 18.58 -6.89
C ALA A 239 -10.01 17.21 -6.97
N PRO A 240 -10.98 16.98 -7.84
CA PRO A 240 -11.64 15.65 -7.85
C PRO A 240 -10.68 14.50 -8.06
N LEU A 241 -9.70 14.63 -8.97
CA LEU A 241 -8.76 13.52 -9.18
C LEU A 241 -7.87 13.29 -7.97
N LEU A 242 -7.51 14.36 -7.23
CA LEU A 242 -6.73 14.20 -6.02
C LEU A 242 -7.54 13.53 -4.93
N VAL A 243 -8.83 13.83 -4.84
CA VAL A 243 -9.69 13.06 -3.94
C VAL A 243 -9.73 11.60 -4.40
N ARG A 244 -9.82 11.38 -5.72
CA ARG A 244 -9.82 10.02 -6.23
C ARG A 244 -8.56 9.27 -5.79
N SER A 245 -7.43 9.96 -5.68
CA SER A 245 -6.20 9.32 -5.25
C SER A 245 -6.32 8.78 -3.82
N LEU A 246 -6.91 9.57 -2.91
CA LEU A 246 -7.06 9.10 -1.54
C LEU A 246 -8.04 7.92 -1.47
N LEU A 247 -9.10 7.96 -2.29
CA LEU A 247 -10.04 6.84 -2.32
C LEU A 247 -9.46 5.62 -3.02
N SER A 248 -8.40 5.80 -3.81
CA SER A 248 -7.73 4.65 -4.41
C SER A 248 -6.68 4.04 -3.49
N ALA A 249 -5.87 4.88 -2.84
CA ALA A 249 -4.66 4.43 -2.16
C ALA A 249 -4.77 4.39 -0.65
N GLY A 250 -5.86 4.86 -0.06
CA GLY A 250 -5.88 5.10 1.37
C GLY A 250 -6.58 4.07 2.23
N LEU A 251 -7.32 3.15 1.61
CA LEU A 251 -8.11 2.18 2.36
C LEU A 251 -7.58 0.76 2.23
N ASP A 252 -7.53 0.23 1.01
CA ASP A 252 -7.10 -1.15 0.80
C ASP A 252 -5.67 -1.38 1.27
N THR A 253 -4.83 -0.35 1.17
CA THR A 253 -3.45 -0.46 1.65
C THR A 253 -3.41 -0.66 3.16
N THR A 254 -4.21 0.11 3.90
CA THR A 254 -4.21 -0.01 5.35
C THR A 254 -4.85 -1.31 5.81
N VAL A 255 -5.87 -1.80 5.10
CA VAL A 255 -6.45 -3.10 5.43
C VAL A 255 -5.38 -4.18 5.37
N ASN A 256 -4.58 -4.19 4.32
CA ASN A 256 -3.53 -5.21 4.21
C ASN A 256 -2.37 -4.93 5.15
N GLY A 257 -2.12 -3.67 5.48
CA GLY A 257 -1.07 -3.38 6.44
C GLY A 257 -1.43 -3.82 7.85
N ILE A 258 -2.67 -3.56 8.26
CA ILE A 258 -3.12 -3.98 9.59
C ILE A 258 -3.26 -5.50 9.64
N GLY A 259 -3.81 -6.09 8.58
CA GLY A 259 -3.89 -7.54 8.53
C GLY A 259 -2.54 -8.22 8.61
N ALA A 260 -1.53 -7.63 7.96
CA ALA A 260 -0.17 -8.17 8.05
C ALA A 260 0.34 -8.10 9.48
N ALA A 261 0.08 -7.00 10.18
CA ALA A 261 0.56 -6.87 11.56
C ALA A 261 -0.10 -7.92 12.46
N VAL A 262 -1.42 -8.09 12.32
CA VAL A 262 -2.10 -9.10 13.12
C VAL A 262 -1.57 -10.49 12.77
N TYR A 263 -1.31 -10.73 11.47
CA TYR A 263 -0.80 -12.02 11.03
C TYR A 263 0.56 -12.31 11.66
N CYS A 264 1.45 -11.31 11.65
CA CYS A 264 2.76 -11.47 12.25
C CYS A 264 2.64 -11.75 13.75
N LEU A 265 1.90 -10.91 14.47
CA LEU A 265 1.67 -11.14 15.90
C LEU A 265 1.07 -12.52 16.13
N ALA A 266 0.19 -12.98 15.24
CA ALA A 266 -0.40 -14.32 15.39
C ALA A 266 0.65 -15.40 15.18
N ARG A 267 1.54 -15.21 14.20
CA ARG A 267 2.57 -16.21 13.92
C ARG A 267 3.72 -16.15 14.90
N PHE A 268 4.07 -14.96 15.39
CA PHE A 268 5.21 -14.79 16.29
C PHE A 268 4.72 -14.39 17.69
N PRO A 269 4.23 -15.34 18.49
CA PRO A 269 3.75 -14.97 19.83
C PRO A 269 4.81 -14.32 20.69
N GLY A 270 6.09 -14.65 20.48
CA GLY A 270 7.15 -13.99 21.24
C GLY A 270 7.13 -12.48 21.08
N GLU A 271 6.83 -12.02 19.86
CA GLU A 271 6.78 -10.58 19.60
C GLU A 271 5.48 -9.94 20.10
N LEU A 272 4.37 -10.68 20.13
CA LEU A 272 3.18 -10.15 20.79
C LEU A 272 3.45 -9.94 22.27
N GLN A 273 4.21 -10.85 22.89
CA GLN A 273 4.52 -10.71 24.31
C GLN A 273 5.44 -9.53 24.56
N ARG A 274 6.40 -9.28 23.66
CA ARG A 274 7.24 -8.11 23.81
C ARG A 274 6.44 -6.83 23.64
N LEU A 275 5.52 -6.81 22.68
CA LEU A 275 4.67 -5.64 22.47
C LEU A 275 3.78 -5.38 23.67
N ARG A 276 3.17 -6.44 24.22
CA ARG A 276 2.36 -6.28 25.43
C ARG A 276 3.17 -5.67 26.56
N SER A 277 4.47 -6.01 26.64
CA SER A 277 5.28 -5.51 27.74
C SER A 277 5.72 -4.06 27.53
N ASP A 278 5.69 -3.57 26.30
CA ASP A 278 5.97 -2.16 26.01
C ASP A 278 5.08 -1.73 24.86
N PRO A 279 3.85 -1.28 25.15
CA PRO A 279 2.94 -0.87 24.08
C PRO A 279 3.44 0.30 23.26
N THR A 280 4.43 1.07 23.75
CA THR A 280 4.99 2.12 22.90
C THR A 280 5.79 1.56 21.74
N LEU A 281 5.97 0.24 21.68
CA LEU A 281 6.52 -0.42 20.50
C LEU A 281 5.48 -0.61 19.39
N ALA A 282 4.25 -0.14 19.61
CA ALA A 282 3.18 -0.36 18.64
C ALA A 282 3.55 0.22 17.28
N ARG A 283 4.10 1.43 17.25
CA ARG A 283 4.34 2.09 15.97
C ARG A 283 5.45 1.40 15.18
N ASN A 284 6.51 0.96 15.87
CA ASN A 284 7.55 0.23 15.16
C ASN A 284 7.11 -1.18 14.81
N ALA A 285 6.24 -1.78 15.62
CA ALA A 285 5.73 -3.12 15.30
C ALA A 285 4.92 -3.10 14.01
N PHE A 286 4.20 -2.01 13.76
CA PHE A 286 3.48 -1.85 12.50
C PHE A 286 4.43 -1.57 11.35
N GLU A 287 5.44 -0.70 11.58
CA GLU A 287 6.43 -0.45 10.53
C GLU A 287 7.14 -1.73 10.14
N GLU A 288 7.53 -2.54 11.13
CA GLU A 288 8.15 -3.82 10.81
C GLU A 288 7.19 -4.73 10.07
N ALA A 289 5.89 -4.63 10.36
CA ALA A 289 4.91 -5.43 9.62
C ALA A 289 4.83 -4.98 8.16
N VAL A 290 4.94 -3.67 7.91
CA VAL A 290 4.95 -3.18 6.54
C VAL A 290 6.17 -3.70 5.79
N ARG A 291 7.33 -3.72 6.45
CA ARG A 291 8.53 -4.29 5.81
C ARG A 291 8.38 -5.79 5.58
N PHE A 292 7.85 -6.50 6.58
CA PHE A 292 7.86 -7.96 6.57
C PHE A 292 6.90 -8.51 5.53
N GLU A 293 5.72 -7.91 5.39
CA GLU A 293 4.74 -8.37 4.41
C GLU A 293 4.67 -7.51 3.16
N SER A 294 5.05 -6.23 3.27
CA SER A 294 4.98 -5.30 2.14
C SER A 294 3.64 -5.40 1.44
N PRO A 295 2.56 -4.88 2.04
CA PRO A 295 1.25 -4.93 1.38
C PRO A 295 1.28 -4.48 -0.07
N VAL A 296 2.00 -3.42 -0.40
CA VAL A 296 2.22 -3.03 -1.79
C VAL A 296 3.48 -3.73 -2.26
N GLN A 297 3.33 -4.74 -3.11
CA GLN A 297 4.44 -5.61 -3.44
C GLN A 297 5.33 -5.05 -4.54
N THR A 298 4.76 -4.26 -5.46
CA THR A 298 5.48 -3.91 -6.68
C THR A 298 4.94 -2.61 -7.27
N PHE A 299 5.81 -1.94 -8.01
CA PHE A 299 5.44 -0.82 -8.88
C PHE A 299 6.42 -0.78 -10.04
N PHE A 300 5.95 -0.26 -11.17
CA PHE A 300 6.76 -0.12 -12.37
C PHE A 300 7.24 1.32 -12.53
N ARG A 301 8.35 1.47 -13.27
CA ARG A 301 8.79 2.73 -13.84
C ARG A 301 9.10 2.51 -15.31
N THR A 302 9.24 3.59 -16.06
CA THR A 302 9.59 3.51 -17.49
C THR A 302 10.83 4.35 -17.73
N THR A 303 11.84 3.75 -18.37
CA THR A 303 13.06 4.49 -18.68
C THR A 303 12.75 5.59 -19.69
N THR A 304 13.28 6.79 -19.42
CA THR A 304 13.16 7.91 -20.35
C THR A 304 14.38 8.03 -21.27
N ARG A 305 15.33 7.19 -21.06
CA ARG A 305 16.55 7.18 -21.90
C ARG A 305 17.31 5.86 -21.70
N GLU A 306 18.40 5.71 -22.40
CA GLU A 306 19.27 4.56 -22.17
C GLU A 306 20.02 4.77 -20.85
N VAL A 307 20.04 3.74 -20.01
CA VAL A 307 20.54 3.86 -18.64
C VAL A 307 21.32 2.62 -18.26
N GLU A 308 22.43 2.82 -17.54
CA GLU A 308 23.17 1.71 -16.95
C GLU A 308 22.68 1.51 -15.52
N LEU A 309 22.23 0.30 -15.21
CA LEU A 309 21.74 -0.05 -13.88
C LEU A 309 22.34 -1.40 -13.51
N GLY A 310 23.25 -1.40 -12.53
CA GLY A 310 23.92 -2.61 -12.10
C GLY A 310 24.51 -3.42 -13.22
N GLY A 311 25.25 -2.77 -14.12
CA GLY A 311 25.93 -3.45 -15.20
C GLY A 311 25.08 -3.74 -16.43
N ALA A 312 23.76 -3.59 -16.34
CA ALA A 312 22.89 -3.82 -17.48
C ALA A 312 22.62 -2.50 -18.18
N VAL A 313 22.52 -2.55 -19.51
CA VAL A 313 22.20 -1.39 -20.32
C VAL A 313 20.74 -1.53 -20.72
N ILE A 314 19.88 -0.72 -20.10
CA ILE A 314 18.45 -0.72 -20.40
C ILE A 314 18.17 0.40 -21.38
N GLY A 315 17.51 0.07 -22.48
CA GLY A 315 17.19 1.05 -23.49
C GLY A 315 16.09 2.00 -23.03
N GLU A 316 15.82 2.99 -23.89
CA GLU A 316 14.76 3.96 -23.64
C GLU A 316 13.40 3.28 -23.72
N GLY A 317 12.44 3.82 -22.97
CA GLY A 317 11.06 3.37 -23.08
C GLY A 317 10.82 1.95 -22.65
N GLU A 318 11.55 1.46 -21.65
CA GLU A 318 11.41 0.10 -21.15
C GLU A 318 10.75 0.14 -19.78
N LYS A 319 9.86 -0.82 -19.53
CA LYS A 319 9.26 -0.95 -18.21
C LYS A 319 10.24 -1.64 -17.26
N VAL A 320 10.33 -1.11 -16.04
CA VAL A 320 11.17 -1.68 -15.00
C VAL A 320 10.29 -1.99 -13.81
N LEU A 321 10.24 -3.27 -13.43
CA LEU A 321 9.41 -3.72 -12.32
C LEU A 321 10.25 -3.75 -11.05
N MET A 322 9.82 -3.02 -10.04
CA MET A 322 10.49 -2.96 -8.74
C MET A 322 9.79 -3.90 -7.77
N PHE A 323 10.55 -4.84 -7.21
CA PHE A 323 10.00 -5.77 -6.21
C PHE A 323 10.23 -5.17 -4.83
N LEU A 324 9.26 -4.36 -4.38
CA LEU A 324 9.37 -3.73 -3.07
C LEU A 324 9.46 -4.77 -1.95
N GLY A 325 8.59 -5.78 -2.00
CA GLY A 325 8.62 -6.79 -0.95
C GLY A 325 9.93 -7.56 -0.93
N SER A 326 10.50 -7.81 -2.09
CA SER A 326 11.79 -8.49 -2.18
C SER A 326 12.91 -7.61 -1.62
N ALA A 327 12.91 -6.32 -1.98
CA ALA A 327 13.91 -5.41 -1.44
C ALA A 327 13.86 -5.35 0.08
N ASN A 328 12.67 -5.47 0.66
CA ASN A 328 12.50 -5.45 2.11
C ASN A 328 12.92 -6.76 2.77
N ARG A 329 13.29 -7.77 1.99
CA ARG A 329 13.79 -9.03 2.54
C ARG A 329 15.16 -9.41 2.00
N ASP A 330 15.86 -8.47 1.38
CA ASP A 330 17.17 -8.71 0.79
C ASP A 330 18.24 -8.85 1.86
N PRO A 331 18.82 -10.04 2.07
CA PRO A 331 19.86 -10.18 3.11
C PRO A 331 21.10 -9.34 2.83
N ARG A 332 21.26 -8.79 1.63
CA ARG A 332 22.31 -7.83 1.37
C ARG A 332 22.10 -6.53 2.15
N ARG A 333 20.86 -6.25 2.55
CA ARG A 333 20.52 -5.05 3.30
C ARG A 333 20.10 -5.34 4.73
N TRP A 334 19.37 -6.42 4.97
CA TRP A 334 18.75 -6.67 6.27
C TRP A 334 19.35 -7.90 6.95
N SER A 335 19.58 -7.78 8.25
N SER A 335 19.58 -7.78 8.25
CA SER A 335 19.94 -8.93 9.07
CA SER A 335 19.94 -8.93 9.07
C SER A 335 18.70 -9.74 9.39
C SER A 335 18.70 -9.73 9.38
N ASP A 336 18.78 -11.04 9.18
CA ASP A 336 17.66 -11.95 9.44
C ASP A 336 16.37 -11.38 8.82
N PRO A 337 16.34 -11.19 7.50
CA PRO A 337 15.21 -10.48 6.89
C PRO A 337 13.89 -11.21 7.03
N ASP A 338 13.92 -12.54 7.16
CA ASP A 338 12.70 -13.35 7.26
C ASP A 338 12.17 -13.47 8.68
N LEU A 339 12.70 -12.66 9.60
CA LEU A 339 12.25 -12.70 11.02
C LEU A 339 11.54 -11.41 11.40
N TYR A 340 10.33 -11.50 11.94
CA TYR A 340 9.56 -10.35 12.39
C TYR A 340 10.11 -9.87 13.72
N ASP A 341 10.70 -8.67 13.72
CA ASP A 341 11.39 -8.13 14.90
C ASP A 341 10.85 -6.72 15.16
N ILE A 342 9.99 -6.58 16.18
CA ILE A 342 9.35 -5.29 16.44
C ILE A 342 10.31 -4.26 17.01
N THR A 343 11.56 -4.63 17.32
CA THR A 343 12.56 -3.65 17.72
C THR A 343 13.58 -3.40 16.61
N ARG A 344 13.38 -3.97 15.42
CA ARG A 344 14.28 -3.73 14.30
C ARG A 344 14.32 -2.24 13.94
N LYS A 345 15.49 -1.77 13.55
CA LYS A 345 15.63 -0.45 12.95
C LYS A 345 15.15 -0.53 11.50
N THR A 346 13.89 -0.15 11.27
CA THR A 346 13.24 -0.33 9.98
C THR A 346 13.47 0.82 9.02
N SER A 347 14.09 1.91 9.46
CA SER A 347 14.32 3.05 8.59
C SER A 347 15.07 2.62 7.33
N GLY A 348 14.54 2.99 6.18
CA GLY A 348 15.10 2.61 4.90
C GLY A 348 14.30 1.57 4.14
N HIS A 349 13.34 0.90 4.77
CA HIS A 349 12.51 -0.04 4.03
C HIS A 349 11.70 0.72 2.98
N VAL A 350 11.32 0.02 1.92
CA VAL A 350 10.66 0.63 0.77
C VAL A 350 9.19 0.24 0.69
N GLY A 351 8.61 -0.23 1.79
CA GLY A 351 7.20 -0.59 1.77
C GLY A 351 6.27 0.57 1.48
N PHE A 352 6.72 1.79 1.77
CA PHE A 352 6.04 3.01 1.36
C PHE A 352 6.72 3.69 0.18
N GLY A 353 7.65 3.01 -0.48
CA GLY A 353 8.43 3.65 -1.52
C GLY A 353 9.58 4.46 -0.94
N SER A 354 10.12 5.34 -1.78
CA SER A 354 11.28 6.15 -1.43
C SER A 354 11.40 7.28 -2.43
N GLY A 355 11.77 8.46 -1.95
CA GLY A 355 11.94 9.60 -2.83
C GLY A 355 10.71 10.45 -3.02
N VAL A 356 10.60 11.09 -4.20
CA VAL A 356 9.59 12.13 -4.40
C VAL A 356 8.18 11.56 -4.32
N HIS A 357 8.00 10.29 -4.66
CA HIS A 357 6.68 9.68 -4.63
C HIS A 357 6.41 8.92 -3.33
N MET A 358 7.32 8.96 -2.36
CA MET A 358 7.13 8.17 -1.16
C MET A 358 5.76 8.46 -0.55
N CYS A 359 5.05 7.39 -0.20
CA CYS A 359 3.64 7.47 0.16
C CYS A 359 3.29 8.74 0.92
N VAL A 360 2.49 9.60 0.29
CA VAL A 360 2.08 10.85 0.92
C VAL A 360 1.13 10.62 2.08
N GLY A 361 0.47 9.45 2.13
CA GLY A 361 -0.44 9.12 3.21
C GLY A 361 0.16 8.24 4.30
N GLN A 362 1.50 8.17 4.37
CA GLN A 362 2.13 7.30 5.36
C GLN A 362 1.84 7.71 6.80
N LEU A 363 1.54 8.98 7.04
CA LEU A 363 1.18 9.38 8.40
C LEU A 363 -0.19 8.82 8.80
N VAL A 364 -1.11 8.70 7.85
CA VAL A 364 -2.41 8.09 8.14
C VAL A 364 -2.26 6.60 8.39
N ALA A 365 -1.52 5.92 7.52
CA ALA A 365 -1.29 4.48 7.68
C ALA A 365 -0.69 4.17 9.04
N ARG A 366 0.37 4.89 9.41
CA ARG A 366 1.04 4.61 10.67
C ARG A 366 0.14 4.90 11.86
N LEU A 367 -0.63 5.99 11.79
CA LEU A 367 -1.58 6.29 12.84
C LEU A 367 -2.58 5.15 13.01
N GLU A 368 -3.23 4.73 11.93
CA GLU A 368 -4.15 3.59 12.01
C GLU A 368 -3.44 2.36 12.58
N GLY A 369 -2.32 1.98 11.98
CA GLY A 369 -1.59 0.81 12.45
C GLY A 369 -1.17 0.94 13.91
N GLU A 370 -0.69 2.12 14.30
CA GLU A 370 -0.18 2.30 15.66
C GLU A 370 -1.29 2.16 16.69
N VAL A 371 -2.43 2.82 16.48
CA VAL A 371 -3.47 2.80 17.51
C VAL A 371 -4.18 1.46 17.55
N MET A 372 -4.19 0.71 16.44
CA MET A 372 -4.74 -0.65 16.50
C MET A 372 -3.79 -1.58 17.28
N LEU A 373 -2.51 -1.57 16.93
CA LEU A 373 -1.56 -2.38 17.70
C LEU A 373 -1.51 -1.95 19.15
N SER A 374 -1.69 -0.66 19.44
CA SER A 374 -1.73 -0.21 20.82
C SER A 374 -2.92 -0.84 21.56
N ALA A 375 -4.10 -0.78 20.96
CA ALA A 375 -5.26 -1.43 21.56
C ALA A 375 -5.01 -2.92 21.79
N LEU A 376 -4.49 -3.62 20.77
CA LEU A 376 -4.15 -5.03 20.95
C LEU A 376 -3.14 -5.22 22.06
N ALA A 377 -2.09 -4.40 22.07
CA ALA A 377 -1.05 -4.55 23.08
C ALA A 377 -1.60 -4.40 24.50
N ARG A 378 -2.59 -3.54 24.69
CA ARG A 378 -3.09 -3.29 26.02
C ARG A 378 -4.25 -4.20 26.42
N LYS A 379 -4.95 -4.79 25.45
CA LYS A 379 -6.19 -5.49 25.75
C LYS A 379 -6.14 -6.99 25.50
N VAL A 380 -5.16 -7.49 24.75
CA VAL A 380 -5.15 -8.88 24.30
C VAL A 380 -3.95 -9.59 24.91
N ALA A 381 -4.17 -10.82 25.38
CA ALA A 381 -3.09 -11.64 25.91
C ALA A 381 -2.55 -12.63 24.89
N ALA A 382 -3.38 -13.15 23.99
CA ALA A 382 -2.93 -14.11 23.01
C ALA A 382 -3.77 -14.00 21.75
N ILE A 383 -3.14 -14.28 20.61
CA ILE A 383 -3.79 -14.33 19.30
C ILE A 383 -3.43 -15.68 18.70
N ASP A 384 -4.41 -16.57 18.59
CA ASP A 384 -4.18 -17.93 18.11
C ASP A 384 -5.02 -18.18 16.87
N ILE A 385 -4.35 -18.54 15.77
CA ILE A 385 -5.08 -18.98 14.58
C ILE A 385 -5.87 -20.23 14.93
N ASP A 386 -7.15 -20.22 14.59
CA ASP A 386 -8.01 -21.36 14.94
C ASP A 386 -8.92 -21.70 13.78
N GLY A 387 -8.41 -21.57 12.55
CA GLY A 387 -9.17 -21.84 11.36
C GLY A 387 -8.31 -21.78 10.11
N PRO A 388 -8.88 -22.21 8.97
CA PRO A 388 -8.11 -22.20 7.72
C PRO A 388 -7.78 -20.78 7.28
N VAL A 389 -6.50 -20.52 7.06
CA VAL A 389 -6.06 -19.22 6.54
C VAL A 389 -6.22 -19.23 5.03
N LYS A 390 -6.82 -18.16 4.49
CA LYS A 390 -7.04 -18.04 3.06
C LYS A 390 -6.41 -16.74 2.57
N ARG A 391 -5.62 -16.84 1.50
CA ARG A 391 -4.95 -15.69 0.91
C ARG A 391 -5.86 -14.98 -0.08
N ARG A 392 -5.68 -13.66 -0.18
CA ARG A 392 -6.37 -12.82 -1.13
C ARG A 392 -5.40 -12.45 -2.24
N PHE A 393 -5.76 -12.75 -3.49
CA PHE A 393 -4.85 -12.57 -4.62
C PHE A 393 -5.14 -11.27 -5.34
N ASN A 394 -4.07 -10.52 -5.62
CA ASN A 394 -4.16 -9.22 -6.26
C ASN A 394 -2.83 -8.95 -6.96
N ASN A 395 -2.90 -8.37 -8.15
CA ASN A 395 -1.69 -8.16 -8.95
C ASN A 395 -0.67 -7.28 -8.24
N THR A 396 -1.09 -6.45 -7.30
CA THR A 396 -0.16 -5.56 -6.61
C THR A 396 -0.15 -5.72 -5.10
N LEU A 397 -1.28 -6.05 -4.48
CA LEU A 397 -1.37 -6.10 -3.04
C LEU A 397 -1.19 -7.52 -2.52
N ARG A 398 -0.49 -7.64 -1.41
CA ARG A 398 -0.32 -8.90 -0.70
C ARG A 398 -1.07 -8.82 0.62
N GLY A 399 -1.92 -9.81 0.87
CA GLY A 399 -2.69 -9.85 2.10
C GLY A 399 -3.60 -11.06 2.09
N LEU A 400 -4.36 -11.19 3.16
CA LEU A 400 -5.17 -12.37 3.41
C LEU A 400 -6.64 -12.11 3.14
N GLU A 401 -7.34 -13.15 2.70
CA GLU A 401 -8.79 -13.11 2.55
C GLU A 401 -9.48 -13.39 3.89
N SER A 402 -8.97 -14.35 4.66
CA SER A 402 -9.58 -14.73 5.92
C SER A 402 -8.48 -15.16 6.89
N LEU A 403 -8.59 -14.72 8.15
CA LEU A 403 -7.62 -15.05 9.18
C LEU A 403 -8.37 -15.33 10.48
N PRO A 404 -8.90 -16.54 10.63
CA PRO A 404 -9.63 -16.89 11.86
C PRO A 404 -8.68 -16.97 13.04
N VAL A 405 -8.94 -16.16 14.06
CA VAL A 405 -8.11 -16.13 15.26
C VAL A 405 -9.01 -16.11 16.49
N LYS A 406 -8.49 -16.66 17.57
CA LYS A 406 -9.11 -16.52 18.89
C LYS A 406 -8.34 -15.47 19.66
N LEU A 407 -9.04 -14.43 20.10
CA LEU A 407 -8.44 -13.37 20.92
C LEU A 407 -8.68 -13.71 22.39
N THR A 408 -7.60 -13.84 23.16
CA THR A 408 -7.72 -14.03 24.60
C THR A 408 -7.52 -12.70 25.31
N PRO A 409 -8.46 -12.29 26.16
CA PRO A 409 -8.31 -11.00 26.84
C PRO A 409 -7.18 -11.01 27.85
N ALA A 410 -6.53 -9.87 27.99
CA ALA A 410 -5.43 -9.71 28.94
C ALA A 410 -5.95 -9.72 30.37
#